data_7NND
#
_entry.id   7NND
#
_cell.length_a   81.835
_cell.length_b   111.600
_cell.length_c   62.702
_cell.angle_alpha   90.000
_cell.angle_beta   90.000
_cell.angle_gamma   90.000
#
_symmetry.space_group_name_H-M   'C 2 2 21'
#
loop_
_entity.id
_entity.type
_entity.pdbx_description
1 polymer '14-3-3 protein sigma'
2 polymer 'Amot-p130 phosphopeptide (pS175)'
3 non-polymer 'CHLORIDE ION'
4 non-polymer 'MAGNESIUM ION'
5 non-polymer 5-[1-(2-azanylethyl)imidazol-4-yl]-4-phenyl-thiophene-2-carboximidamide
6 water water
#
loop_
_entity_poly.entity_id
_entity_poly.type
_entity_poly.pdbx_seq_one_letter_code
_entity_poly.pdbx_strand_id
1 'polypeptide(L)'
;GAMGSMERASLIQKAKLAEQAERYEDMAAFMKGAVEKGEELS(CSO)EERNLLSVAYKNVVGGQRAAWRVLSSIEQKSNE
EGSEEKGPEVREYREKVETELQGVCDTVLGLLDSHLIKEAGDAESRVFYLKMKGDYYRYLAEVATGDDKKRIIDSARSAY
QEAMDISKKEMPPTNPIRLGLALNFSVFHYEIANSPEEAISLAKTTFDEAMADLHTLSEDSYKDSTLIMQLLRDNLTLWT
ADNAGEEGGEAPQEPQS
;
A
2 'polypeptide(L)' GHVRSL(SEP)ERLMQM P
#
loop_
_chem_comp.id
_chem_comp.type
_chem_comp.name
_chem_comp.formula
CL non-polymer 'CHLORIDE ION' 'Cl -1'
K7N non-polymer 5-[1-(2-azanylethyl)imidazol-4-yl]-4-phenyl-thiophene-2-carboximidamide 'C16 H17 N5 S'
MG non-polymer 'MAGNESIUM ION' 'Mg 2'
#
# COMPACT_ATOMS: atom_id res chain seq x y z
N GLY A 1 19.18 14.04 -8.14
CA GLY A 1 18.81 12.61 -8.34
C GLY A 1 19.35 12.11 -9.67
N ALA A 2 19.66 10.81 -9.74
CA ALA A 2 20.26 10.25 -10.95
C ALA A 2 19.32 10.32 -12.13
N MET A 3 18.02 10.53 -11.91
CA MET A 3 17.08 10.69 -13.00
C MET A 3 16.85 12.15 -13.38
N GLY A 4 17.58 13.09 -12.76
CA GLY A 4 17.35 14.50 -13.00
C GLY A 4 17.54 14.93 -14.43
N SER A 5 18.38 14.23 -15.19
CA SER A 5 18.64 14.61 -16.57
C SER A 5 17.69 13.98 -17.56
N MET A 6 16.80 13.10 -17.15
CA MET A 6 15.90 12.44 -18.08
C MET A 6 14.55 13.14 -18.11
N GLU A 7 14.01 13.29 -19.31
CA GLU A 7 12.70 13.89 -19.47
C GLU A 7 11.64 13.13 -18.68
N ARG A 8 10.67 13.88 -18.17
CA ARG A 8 9.54 13.25 -17.47
C ARG A 8 8.89 12.19 -18.35
N ALA A 9 8.60 12.51 -19.60
CA ALA A 9 7.88 11.56 -20.43
C ALA A 9 8.71 10.30 -20.68
N SER A 10 10.02 10.46 -20.78
CA SER A 10 10.89 9.30 -20.96
C SER A 10 10.94 8.44 -19.72
N LEU A 11 10.91 9.05 -18.54
CA LEU A 11 10.86 8.29 -17.31
C LEU A 11 9.58 7.47 -17.22
N ILE A 12 8.45 8.05 -17.60
CA ILE A 12 7.19 7.33 -17.60
CA ILE A 12 7.21 7.30 -17.57
C ILE A 12 7.22 6.18 -18.61
N GLN A 13 7.73 6.46 -19.82
CA GLN A 13 7.84 5.41 -20.83
C GLN A 13 8.70 4.26 -20.31
N LYS A 14 9.84 4.58 -19.72
CA LYS A 14 10.74 3.54 -19.23
C LYS A 14 10.15 2.82 -18.03
N ALA A 15 9.37 3.49 -17.18
CA ALA A 15 8.67 2.77 -16.11
C ALA A 15 7.75 1.71 -16.69
N LYS A 16 7.05 2.03 -17.77
CA LYS A 16 6.16 1.05 -18.39
C LYS A 16 6.96 -0.11 -18.99
N LEU A 17 8.11 0.19 -19.57
CA LEU A 17 8.97 -0.87 -20.12
C LEU A 17 9.52 -1.75 -19.00
N ALA A 18 9.94 -1.12 -17.91
CA ALA A 18 10.44 -1.87 -16.76
C ALA A 18 9.37 -2.79 -16.22
N GLU A 19 8.12 -2.32 -16.14
CA GLU A 19 7.03 -3.19 -15.71
C GLU A 19 6.93 -4.42 -16.61
N GLN A 20 6.96 -4.20 -17.92
CA GLN A 20 6.85 -5.32 -18.87
C GLN A 20 7.99 -6.30 -18.68
N ALA A 21 9.18 -5.80 -18.37
CA ALA A 21 10.36 -6.62 -18.15
C ALA A 21 10.47 -7.16 -16.73
N GLU A 22 9.47 -6.88 -15.89
CA GLU A 22 9.47 -7.30 -14.48
C GLU A 22 10.72 -6.81 -13.75
N ARG A 23 11.11 -5.57 -14.04
CA ARG A 23 12.26 -4.92 -13.44
C ARG A 23 11.72 -3.83 -12.52
N TYR A 24 11.23 -4.26 -11.35
CA TYR A 24 10.47 -3.33 -10.51
C TYR A 24 11.34 -2.35 -9.76
N GLU A 25 12.57 -2.70 -9.43
CA GLU A 25 13.46 -1.69 -8.84
C GLU A 25 13.71 -0.58 -9.84
N ASP A 26 13.98 -0.93 -11.10
CA ASP A 26 14.13 0.11 -12.12
C ASP A 26 12.84 0.92 -12.24
N MET A 27 11.70 0.23 -12.26
CA MET A 27 10.43 0.92 -12.40
C MET A 27 10.26 1.94 -11.29
N ALA A 28 10.60 1.55 -10.06
CA ALA A 28 10.45 2.47 -8.94
C ALA A 28 11.41 3.64 -9.07
N ALA A 29 12.64 3.40 -9.52
CA ALA A 29 13.57 4.51 -9.70
C ALA A 29 13.07 5.48 -10.77
N PHE A 30 12.52 4.97 -11.86
CA PHE A 30 11.99 5.84 -12.90
C PHE A 30 10.83 6.65 -12.37
N MET A 31 9.91 6.01 -11.63
CA MET A 31 8.76 6.75 -11.13
C MET A 31 9.14 7.75 -10.05
N LYS A 32 10.12 7.42 -9.18
CA LYS A 32 10.65 8.42 -8.27
C LYS A 32 11.20 9.62 -9.02
N GLY A 33 11.94 9.37 -10.10
CA GLY A 33 12.44 10.47 -10.91
C GLY A 33 11.30 11.30 -11.48
N ALA A 34 10.22 10.64 -11.94
CA ALA A 34 9.08 11.38 -12.46
C ALA A 34 8.44 12.23 -11.38
N VAL A 35 8.23 11.67 -10.18
CA VAL A 35 7.65 12.46 -9.10
C VAL A 35 8.51 13.67 -8.82
N GLU A 36 9.82 13.48 -8.83
CA GLU A 36 10.72 14.58 -8.48
C GLU A 36 10.76 15.66 -9.54
N LYS A 37 10.12 15.48 -10.70
CA LYS A 37 9.99 16.60 -11.62
C LYS A 37 9.10 17.69 -11.04
N GLY A 38 8.29 17.37 -10.03
CA GLY A 38 7.51 18.37 -9.33
C GLY A 38 6.10 18.55 -9.83
N GLU A 39 5.73 17.93 -10.93
CA GLU A 39 4.37 18.02 -11.43
C GLU A 39 3.49 16.97 -10.76
N GLU A 40 2.20 17.24 -10.67
CA GLU A 40 1.26 16.25 -10.19
C GLU A 40 1.27 15.04 -11.14
N LEU A 41 0.77 13.91 -10.63
CA LEU A 41 0.70 12.66 -11.36
C LEU A 41 -0.72 12.40 -11.81
N SER A 42 -0.87 11.91 -13.02
CA SER A 42 -2.16 11.46 -13.51
C SER A 42 -2.57 10.15 -12.84
N CSO A 43 -3.79 9.71 -13.09
N CSO A 43 -3.78 9.69 -13.12
CA CSO A 43 -4.23 8.46 -12.49
CA CSO A 43 -4.25 8.45 -12.52
CB CSO A 43 -5.67 8.20 -12.94
CB CSO A 43 -5.73 8.21 -12.90
SG CSO A 43 -6.37 6.74 -12.19
SG CSO A 43 -6.27 6.51 -12.55
C CSO A 43 -3.29 7.31 -12.90
C CSO A 43 -3.37 7.27 -12.91
O CSO A 43 -2.88 6.49 -12.07
O CSO A 43 -3.02 6.42 -12.08
OD CSO A 43 -6.00 5.36 -13.27
OD CSO A 43 -7.07 6.46 -10.95
HB2 CSO A 43 -5.68 8.08 -13.90
HB2 CSO A 43 -5.84 8.37 -13.84
HB3 CSO A 43 -6.22 8.96 -12.68
HB3 CSO A 43 -6.29 8.82 -12.39
HD CSO A 43 -6.37 4.53 -12.90
HD CSO A 43 -7.80 7.10 -10.92
N GLU A 44 -2.98 7.19 -14.18
CA GLU A 44 -2.16 6.10 -14.66
C GLU A 44 -0.77 6.19 -13.99
N GLU A 45 -0.23 7.40 -13.89
CA GLU A 45 1.08 7.57 -13.29
C GLU A 45 1.07 7.22 -11.81
N ARG A 46 0.01 7.60 -11.09
CA ARG A 46 -0.07 7.22 -9.68
C ARG A 46 -0.07 5.71 -9.53
N ASN A 47 -0.79 5.01 -10.41
CA ASN A 47 -0.79 3.56 -10.33
C ASN A 47 0.54 2.96 -10.72
N LEU A 48 1.26 3.55 -11.69
CA LEU A 48 2.60 3.08 -11.97
C LEU A 48 3.51 3.21 -10.75
N LEU A 49 3.42 4.35 -10.07
CA LEU A 49 4.21 4.55 -8.85
C LEU A 49 3.91 3.47 -7.83
N SER A 50 2.62 3.20 -7.60
CA SER A 50 2.24 2.21 -6.61
C SER A 50 2.66 0.80 -7.03
N VAL A 51 2.46 0.43 -8.27
CA VAL A 51 2.86 -0.89 -8.73
C VAL A 51 4.34 -1.10 -8.47
N ALA A 52 5.14 -0.10 -8.80
CA ALA A 52 6.59 -0.26 -8.71
C ALA A 52 7.00 -0.50 -7.27
N TYR A 53 6.59 0.38 -6.37
CA TYR A 53 7.02 0.26 -4.99
C TYR A 53 6.34 -0.90 -4.29
N LYS A 54 5.12 -1.26 -4.67
CA LYS A 54 4.48 -2.42 -4.03
C LYS A 54 5.26 -3.68 -4.34
N ASN A 55 5.74 -3.81 -5.56
CA ASN A 55 6.53 -4.98 -5.92
C ASN A 55 7.87 -4.98 -5.20
N VAL A 56 8.54 -3.84 -5.12
CA VAL A 56 9.82 -3.80 -4.41
C VAL A 56 9.62 -4.15 -2.95
N VAL A 57 8.71 -3.45 -2.28
CA VAL A 57 8.53 -3.69 -0.84
C VAL A 57 7.94 -5.06 -0.61
N GLY A 58 7.17 -5.58 -1.56
CA GLY A 58 6.59 -6.89 -1.38
C GLY A 58 7.64 -7.98 -1.32
N GLY A 59 8.68 -7.87 -2.16
CA GLY A 59 9.76 -8.83 -2.10
C GLY A 59 10.52 -8.70 -0.81
N GLN A 60 10.72 -7.48 -0.33
CA GLN A 60 11.42 -7.27 0.93
C GLN A 60 10.63 -7.83 2.11
N ARG A 61 9.32 -7.61 2.11
CA ARG A 61 8.48 -8.14 3.18
C ARG A 61 8.51 -9.66 3.20
N ALA A 62 8.41 -10.27 2.02
CA ALA A 62 8.45 -11.73 1.96
C ALA A 62 9.77 -12.25 2.48
N ALA A 63 10.88 -11.59 2.13
CA ALA A 63 12.19 -12.03 2.62
C ALA A 63 12.30 -11.82 4.10
N TRP A 64 11.85 -10.67 4.60
CA TRP A 64 11.90 -10.39 6.02
C TRP A 64 11.13 -11.45 6.81
N ARG A 65 9.97 -11.88 6.30
CA ARG A 65 9.18 -12.86 7.03
C ARG A 65 9.89 -14.20 7.08
N VAL A 66 10.54 -14.61 5.99
CA VAL A 66 11.30 -15.85 5.99
C VAL A 66 12.40 -15.77 7.05
N LEU A 67 13.16 -14.67 7.05
CA LEU A 67 14.29 -14.53 7.96
C LEU A 67 13.84 -14.40 9.40
N SER A 68 12.75 -13.67 9.64
CA SER A 68 12.23 -13.53 11.00
C SER A 68 11.79 -14.88 11.55
N SER A 69 11.20 -15.72 10.71
CA SER A 69 10.79 -17.05 11.15
C SER A 69 12.00 -17.91 11.51
N ILE A 70 13.04 -17.87 10.68
CA ILE A 70 14.27 -18.60 10.98
C ILE A 70 14.87 -18.11 12.28
N GLU A 71 14.87 -16.79 12.48
CA GLU A 71 15.45 -16.20 13.68
C GLU A 71 14.66 -16.62 14.92
N GLN A 72 13.34 -16.64 14.81
CA GLN A 72 12.50 -17.02 15.94
C GLN A 72 12.73 -18.47 16.31
N LYS A 73 12.90 -19.34 15.31
CA LYS A 73 13.18 -20.74 15.58
C LYS A 73 14.54 -20.91 16.26
N SER A 74 15.53 -20.11 15.85
CA SER A 74 16.86 -20.23 16.43
C SER A 74 16.89 -19.82 17.89
N ASN A 75 15.91 -19.05 18.35
CA ASN A 75 15.87 -18.55 19.73
C ASN A 75 14.94 -19.37 20.61
N GLU A 76 14.91 -20.69 20.43
CA GLU A 76 14.20 -21.58 21.35
C GLU A 76 15.20 -22.54 22.00
N SER A 79 17.66 -25.21 21.02
CA SER A 79 18.07 -24.76 19.69
C SER A 79 19.48 -24.19 19.75
N GLU A 80 20.36 -24.70 18.87
CA GLU A 80 21.74 -24.24 18.84
C GLU A 80 21.83 -22.87 18.20
N GLU A 81 22.82 -22.10 18.64
CA GLU A 81 23.06 -20.76 18.11
C GLU A 81 23.54 -20.84 16.67
N GLY A 83 25.11 -18.10 16.46
CA GLY A 83 25.84 -16.98 15.90
C GLY A 83 24.95 -15.80 15.59
N PRO A 84 25.56 -14.64 15.31
CA PRO A 84 24.78 -13.43 15.05
C PRO A 84 24.23 -13.33 13.63
N GLU A 85 24.52 -14.29 12.76
CA GLU A 85 24.33 -14.09 11.32
C GLU A 85 22.86 -13.95 10.94
N VAL A 86 21.98 -14.75 11.54
CA VAL A 86 20.56 -14.66 11.15
C VAL A 86 20.01 -13.29 11.53
N ARG A 87 20.30 -12.84 12.75
CA ARG A 87 19.85 -11.51 13.16
C ARG A 87 20.45 -10.44 12.26
N GLU A 88 21.75 -10.53 11.99
CA GLU A 88 22.39 -9.51 11.17
C GLU A 88 21.72 -9.42 9.80
N TYR A 89 21.46 -10.57 9.18
CA TYR A 89 20.90 -10.54 7.82
C TYR A 89 19.43 -10.12 7.86
N ARG A 90 18.67 -10.56 8.86
CA ARG A 90 17.32 -10.03 9.02
C ARG A 90 17.34 -8.52 9.19
N GLU A 91 18.28 -8.02 9.98
CA GLU A 91 18.41 -6.59 10.16
C GLU A 91 18.77 -5.88 8.87
N LYS A 92 19.62 -6.50 8.05
CA LYS A 92 19.99 -5.88 6.78
C LYS A 92 18.77 -5.72 5.89
N VAL A 93 18.00 -6.78 5.75
CA VAL A 93 16.79 -6.72 4.92
C VAL A 93 15.80 -5.73 5.52
N GLU A 94 15.65 -5.75 6.84
CA GLU A 94 14.75 -4.82 7.51
C GLU A 94 15.13 -3.38 7.21
N THR A 95 16.41 -3.07 7.30
CA THR A 95 16.86 -1.70 7.08
C THR A 95 16.59 -1.28 5.65
N GLU A 96 16.81 -2.18 4.71
N GLU A 96 16.76 -2.18 4.69
CA GLU A 96 16.52 -1.87 3.32
CA GLU A 96 16.50 -1.84 3.30
C GLU A 96 15.03 -1.58 3.15
C GLU A 96 15.01 -1.65 3.05
N LEU A 97 14.18 -2.45 3.71
CA LEU A 97 12.74 -2.27 3.65
C LEU A 97 12.32 -0.94 4.24
N GLN A 98 12.85 -0.60 5.41
CA GLN A 98 12.53 0.69 6.02
C GLN A 98 12.97 1.83 5.12
N GLY A 99 14.11 1.66 4.45
CA GLY A 99 14.56 2.69 3.54
C GLY A 99 13.60 2.92 2.38
N VAL A 100 13.08 1.83 1.81
CA VAL A 100 12.10 1.97 0.74
C VAL A 100 10.84 2.65 1.26
N CYS A 101 10.36 2.25 2.43
CA CYS A 101 9.17 2.90 2.98
C CYS A 101 9.40 4.36 3.23
N ASP A 102 10.58 4.72 3.77
CA ASP A 102 10.88 6.12 4.02
C ASP A 102 10.96 6.90 2.72
N THR A 103 11.48 6.28 1.67
CA THR A 103 11.52 6.93 0.36
C THR A 103 10.12 7.23 -0.14
N VAL A 104 9.21 6.25 -0.05
CA VAL A 104 7.85 6.47 -0.52
C VAL A 104 7.17 7.54 0.31
N LEU A 105 7.30 7.44 1.63
CA LEU A 105 6.70 8.44 2.52
C LEU A 105 7.25 9.82 2.21
N GLY A 106 8.54 9.89 1.88
CA GLY A 106 9.14 11.16 1.56
C GLY A 106 8.56 11.77 0.29
N LEU A 107 8.31 10.93 -0.74
CA LEU A 107 7.67 11.42 -1.94
C LEU A 107 6.27 11.93 -1.65
N LEU A 108 5.52 11.19 -0.83
CA LEU A 108 4.18 11.63 -0.47
C LEU A 108 4.23 12.96 0.27
N ASP A 109 5.22 13.14 1.15
CA ASP A 109 5.31 14.37 1.93
C ASP A 109 5.96 15.52 1.17
N SER A 110 6.63 15.24 0.06
CA SER A 110 7.39 16.26 -0.70
C SER A 110 7.23 15.98 -2.19
N HIS A 111 6.10 16.34 -2.77
CA HIS A 111 5.02 17.11 -2.17
C HIS A 111 3.68 16.60 -2.70
N LEU A 112 3.56 15.27 -2.87
CA LEU A 112 2.41 14.77 -3.59
C LEU A 112 1.11 15.03 -2.84
N ILE A 113 1.08 14.77 -1.53
CA ILE A 113 -0.18 14.92 -0.80
C ILE A 113 -0.61 16.38 -0.77
N LYS A 114 0.32 17.31 -0.50
CA LYS A 114 -0.10 18.68 -0.31
C LYS A 114 -0.66 19.28 -1.59
N GLU A 115 -0.29 18.75 -2.76
CA GLU A 115 -0.81 19.28 -4.00
C GLU A 115 -2.02 18.51 -4.51
N ALA A 116 -2.45 17.46 -3.80
CA ALA A 116 -3.55 16.60 -4.27
C ALA A 116 -4.86 17.15 -3.71
N GLY A 117 -5.69 17.69 -4.60
CA GLY A 117 -6.95 18.27 -4.19
C GLY A 117 -8.17 17.46 -4.57
N ASP A 118 -8.09 16.72 -5.66
CA ASP A 118 -9.22 15.89 -6.05
C ASP A 118 -9.27 14.64 -5.19
N ALA A 119 -10.47 14.13 -4.95
CA ALA A 119 -10.58 12.98 -4.07
C ALA A 119 -9.78 11.79 -4.59
N GLU A 120 -9.78 11.57 -5.91
N GLU A 120 -9.84 11.52 -5.89
CA GLU A 120 -9.13 10.36 -6.43
CA GLU A 120 -9.13 10.35 -6.38
C GLU A 120 -7.62 10.40 -6.31
C GLU A 120 -7.65 10.42 -6.04
N SER A 121 -7.03 11.59 -6.24
CA SER A 121 -5.61 11.68 -5.97
C SER A 121 -5.33 11.69 -4.48
N ARG A 122 -6.08 12.50 -3.74
CA ARG A 122 -5.79 12.68 -2.32
C ARG A 122 -6.02 11.39 -1.55
N VAL A 123 -7.14 10.71 -1.81
CA VAL A 123 -7.40 9.44 -1.14
C VAL A 123 -6.34 8.40 -1.50
N PHE A 124 -5.97 8.34 -2.78
CA PHE A 124 -4.93 7.42 -3.21
C PHE A 124 -3.64 7.63 -2.43
N TYR A 125 -3.20 8.88 -2.28
CA TYR A 125 -1.93 9.15 -1.62
C TYR A 125 -2.01 8.93 -0.13
N LEU A 126 -3.12 9.32 0.51
CA LEU A 126 -3.28 9.09 1.93
C LEU A 126 -3.35 7.59 2.22
N LYS A 127 -4.03 6.83 1.38
CA LYS A 127 -4.02 5.37 1.49
C LYS A 127 -2.61 4.85 1.41
N MET A 128 -1.83 5.32 0.44
N MET A 128 -1.85 5.33 0.43
CA MET A 128 -0.46 4.86 0.31
CA MET A 128 -0.46 4.92 0.28
C MET A 128 0.36 5.22 1.54
C MET A 128 0.33 5.22 1.53
N LYS A 129 0.12 6.39 2.12
CA LYS A 129 0.82 6.75 3.34
C LYS A 129 0.49 5.77 4.45
N GLY A 130 -0.79 5.43 4.59
CA GLY A 130 -1.16 4.39 5.56
C GLY A 130 -0.49 3.06 5.28
N ASP A 131 -0.44 2.67 4.01
CA ASP A 131 0.13 1.39 3.64
C ASP A 131 1.61 1.32 4.04
N TYR A 132 2.37 2.37 3.72
CA TYR A 132 3.82 2.31 3.96
C TYR A 132 4.15 2.48 5.43
N TYR A 133 3.33 3.23 6.19
CA TYR A 133 3.47 3.16 7.64
C TYR A 133 3.10 1.77 8.18
N ARG A 134 2.11 1.12 7.58
CA ARG A 134 1.76 -0.24 8.00
C ARG A 134 2.91 -1.19 7.75
N TYR A 135 3.60 -1.07 6.61
CA TYR A 135 4.76 -1.92 6.35
C TYR A 135 5.87 -1.63 7.36
N LEU A 136 6.08 -0.36 7.71
CA LEU A 136 7.01 -0.05 8.80
C LEU A 136 6.57 -0.69 10.11
N ALA A 137 5.26 -0.67 10.39
CA ALA A 137 4.77 -1.23 11.64
C ALA A 137 4.99 -2.73 11.71
N GLU A 138 4.94 -3.42 10.57
CA GLU A 138 5.12 -4.86 10.55
C GLU A 138 6.47 -5.26 11.15
N VAL A 139 7.48 -4.39 11.04
CA VAL A 139 8.85 -4.72 11.49
C VAL A 139 9.25 -3.93 12.72
N ALA A 140 8.37 -3.07 13.24
CA ALA A 140 8.71 -2.19 14.33
C ALA A 140 8.58 -2.93 15.65
N THR A 141 9.43 -2.55 16.60
CA THR A 141 9.49 -3.20 17.91
C THR A 141 9.66 -2.16 19.01
N ASP A 144 8.11 3.25 19.91
CA ASP A 144 8.44 3.36 18.49
C ASP A 144 7.35 2.73 17.61
N LYS A 145 7.05 1.45 17.87
CA LYS A 145 5.97 0.80 17.17
C LYS A 145 4.65 1.56 17.37
N LYS A 146 4.42 2.08 18.57
CA LYS A 146 3.12 2.71 18.83
C LYS A 146 2.93 3.95 17.97
N ARG A 147 3.96 4.77 17.81
CA ARG A 147 3.80 5.99 17.03
C ARG A 147 3.68 5.65 15.54
N ILE A 148 4.39 4.62 15.08
CA ILE A 148 4.27 4.21 13.68
C ILE A 148 2.87 3.70 13.41
N ILE A 149 2.32 2.91 14.32
CA ILE A 149 0.95 2.42 14.19
C ILE A 149 -0.01 3.59 14.14
N ASP A 150 0.18 4.58 14.99
CA ASP A 150 -0.76 5.68 14.99
CA ASP A 150 -0.70 5.74 15.03
C ASP A 150 -0.62 6.51 13.73
N SER A 151 0.57 6.60 13.14
CA SER A 151 0.71 7.31 11.88
C SER A 151 -0.02 6.58 10.76
N ALA A 152 0.04 5.25 10.73
CA ALA A 152 -0.74 4.51 9.74
C ALA A 152 -2.22 4.76 9.94
N ARG A 153 -2.69 4.62 11.18
CA ARG A 153 -4.10 4.81 11.48
CA ARG A 153 -4.10 4.80 11.49
C ARG A 153 -4.57 6.18 11.05
N SER A 154 -3.81 7.22 11.37
CA SER A 154 -4.21 8.58 11.08
C SER A 154 -4.35 8.80 9.58
N ALA A 155 -3.41 8.28 8.80
CA ALA A 155 -3.48 8.44 7.35
C ALA A 155 -4.68 7.70 6.77
N TYR A 156 -4.87 6.45 7.18
CA TYR A 156 -6.04 5.71 6.73
C TYR A 156 -7.34 6.41 7.13
N GLN A 157 -7.41 6.95 8.34
CA GLN A 157 -8.64 7.57 8.80
C GLN A 157 -8.95 8.81 7.97
N GLU A 158 -7.95 9.63 7.69
CA GLU A 158 -8.18 10.81 6.88
C GLU A 158 -8.65 10.40 5.49
N ALA A 159 -8.01 9.37 4.92
CA ALA A 159 -8.44 8.88 3.62
C ALA A 159 -9.87 8.38 3.66
N MET A 160 -10.23 7.65 4.73
CA MET A 160 -11.58 7.11 4.85
C MET A 160 -12.58 8.24 4.92
N ASP A 161 -12.28 9.27 5.70
CA ASP A 161 -13.25 10.37 5.86
C ASP A 161 -13.52 11.04 4.52
N ILE A 162 -12.46 11.28 3.73
CA ILE A 162 -12.66 11.89 2.41
C ILE A 162 -13.41 10.93 1.50
N SER A 163 -13.02 9.65 1.50
CA SER A 163 -13.61 8.69 0.57
C SER A 163 -15.11 8.55 0.81
N LYS A 164 -15.53 8.56 2.07
CA LYS A 164 -16.95 8.37 2.35
C LYS A 164 -17.76 9.58 1.91
N LYS A 165 -17.16 10.77 1.93
CA LYS A 165 -17.86 11.98 1.52
C LYS A 165 -17.85 12.18 0.01
N GLU A 166 -16.78 11.76 -0.67
CA GLU A 166 -16.53 12.19 -2.04
C GLU A 166 -16.61 11.09 -3.09
N MET A 167 -16.66 9.82 -2.70
CA MET A 167 -16.65 8.72 -3.64
C MET A 167 -17.82 7.79 -3.40
N PRO A 168 -18.34 7.16 -4.45
CA PRO A 168 -19.35 6.13 -4.26
C PRO A 168 -18.76 4.90 -3.60
N PRO A 169 -19.60 4.07 -2.98
CA PRO A 169 -19.09 2.92 -2.23
C PRO A 169 -18.41 1.88 -3.08
N THR A 170 -18.60 1.91 -4.39
CA THR A 170 -17.94 0.95 -5.27
C THR A 170 -16.65 1.48 -5.88
N ASN A 171 -16.28 2.73 -5.61
CA ASN A 171 -15.08 3.27 -6.20
C ASN A 171 -13.89 2.37 -5.83
N PRO A 172 -13.07 1.94 -6.79
CA PRO A 172 -12.01 0.97 -6.47
C PRO A 172 -10.97 1.48 -5.48
N ILE A 173 -10.70 2.79 -5.47
CA ILE A 173 -9.77 3.33 -4.49
C ILE A 173 -10.39 3.26 -3.10
N ARG A 174 -11.66 3.66 -3.00
CA ARG A 174 -12.37 3.54 -1.73
C ARG A 174 -12.39 2.11 -1.24
N LEU A 175 -12.66 1.16 -2.13
CA LEU A 175 -12.69 -0.24 -1.74
C LEU A 175 -11.31 -0.72 -1.30
N GLY A 176 -10.27 -0.38 -2.07
CA GLY A 176 -8.94 -0.84 -1.70
C GLY A 176 -8.47 -0.22 -0.39
N LEU A 177 -8.85 1.03 -0.16
CA LEU A 177 -8.55 1.68 1.11
C LEU A 177 -9.21 0.95 2.27
N ALA A 178 -10.50 0.68 2.16
CA ALA A 178 -11.20 0.01 3.23
C ALA A 178 -10.63 -1.38 3.45
N LEU A 179 -10.32 -2.10 2.37
CA LEU A 179 -9.67 -3.39 2.49
C LEU A 179 -8.39 -3.27 3.29
N ASN A 180 -7.52 -2.33 2.92
CA ASN A 180 -6.22 -2.26 3.59
C ASN A 180 -6.36 -1.74 5.01
N PHE A 181 -7.32 -0.85 5.29
CA PHE A 181 -7.54 -0.42 6.66
C PHE A 181 -8.05 -1.60 7.49
N SER A 182 -8.87 -2.46 6.89
CA SER A 182 -9.33 -3.64 7.63
C SER A 182 -8.17 -4.57 7.94
N VAL A 183 -7.22 -4.73 7.00
CA VAL A 183 -6.01 -5.51 7.26
C VAL A 183 -5.18 -4.87 8.36
N PHE A 184 -5.03 -3.55 8.33
CA PHE A 184 -4.39 -2.86 9.43
C PHE A 184 -5.02 -3.22 10.77
N HIS A 185 -6.35 -3.14 10.86
CA HIS A 185 -7.00 -3.45 12.12
C HIS A 185 -6.72 -4.87 12.57
N TYR A 186 -6.78 -5.84 11.65
CA TYR A 186 -6.64 -7.24 12.00
C TYR A 186 -5.20 -7.59 12.34
N GLU A 187 -4.26 -7.16 11.51
CA GLU A 187 -2.89 -7.65 11.57
C GLU A 187 -1.96 -6.75 12.37
N ILE A 188 -2.26 -5.47 12.50
CA ILE A 188 -1.38 -4.51 13.15
C ILE A 188 -1.94 -4.05 14.48
N ALA A 189 -3.21 -3.63 14.49
CA ALA A 189 -3.78 -2.94 15.63
C ALA A 189 -4.46 -3.87 16.64
N ASN A 190 -4.38 -5.17 16.44
N ASN A 190 -4.40 -5.18 16.40
CA ASN A 190 -5.02 -6.13 17.34
CA ASN A 190 -5.00 -6.18 17.29
C ASN A 190 -6.48 -5.77 17.55
C ASN A 190 -6.50 -5.97 17.49
N SER A 191 -7.16 -5.47 16.44
CA SER A 191 -8.59 -5.11 16.47
C SER A 191 -9.32 -5.97 15.45
N PRO A 192 -9.37 -7.29 15.64
CA PRO A 192 -10.06 -8.14 14.66
C PRO A 192 -11.54 -7.80 14.50
N GLU A 193 -12.22 -7.42 15.57
CA GLU A 193 -13.64 -7.08 15.43
C GLU A 193 -13.83 -5.85 14.57
N GLU A 194 -12.99 -4.83 14.73
CA GLU A 194 -13.08 -3.65 13.87
C GLU A 194 -12.80 -4.04 12.43
N ALA A 195 -11.83 -4.90 12.21
CA ALA A 195 -11.53 -5.38 10.86
C ALA A 195 -12.74 -6.03 10.23
N ILE A 196 -13.38 -6.94 10.96
CA ILE A 196 -14.52 -7.66 10.44
C ILE A 196 -15.67 -6.71 10.16
N SER A 197 -15.94 -5.79 11.10
CA SER A 197 -17.03 -4.85 10.91
C SER A 197 -16.79 -3.99 9.68
N LEU A 198 -15.58 -3.47 9.52
CA LEU A 198 -15.30 -2.62 8.37
C LEU A 198 -15.43 -3.39 7.07
N ALA A 199 -14.91 -4.61 7.03
CA ALA A 199 -15.01 -5.39 5.80
C ALA A 199 -16.45 -5.68 5.44
N LYS A 200 -17.26 -6.03 6.45
CA LYS A 200 -18.66 -6.35 6.21
C LYS A 200 -19.42 -5.13 5.70
N THR A 201 -19.32 -3.98 6.40
N THR A 201 -19.29 -3.99 6.38
CA THR A 201 -20.03 -2.82 5.93
CA THR A 201 -19.99 -2.79 5.99
C THR A 201 -19.56 -2.43 4.54
C THR A 201 -19.54 -2.32 4.61
N THR A 202 -18.25 -2.42 4.31
CA THR A 202 -17.74 -2.02 3.01
C THR A 202 -18.34 -2.90 1.93
N PHE A 203 -18.33 -4.22 2.15
CA PHE A 203 -18.85 -5.15 1.16
C PHE A 203 -20.32 -4.89 0.90
N ASP A 204 -21.11 -4.74 1.97
CA ASP A 204 -22.55 -4.60 1.83
C ASP A 204 -22.92 -3.29 1.15
N GLU A 205 -22.22 -2.20 1.47
CA GLU A 205 -22.51 -0.93 0.83
C GLU A 205 -22.11 -0.92 -0.63
N ALA A 206 -21.02 -1.62 -0.96
CA ALA A 206 -20.63 -1.74 -2.36
C ALA A 206 -21.64 -2.60 -3.12
N MET A 207 -22.07 -3.72 -2.54
CA MET A 207 -23.05 -4.58 -3.20
C MET A 207 -24.25 -3.76 -3.64
N ALA A 208 -24.73 -2.90 -2.77
CA ALA A 208 -25.93 -2.14 -3.02
C ALA A 208 -25.75 -1.04 -4.06
N ASP A 209 -24.51 -0.74 -4.44
CA ASP A 209 -24.24 0.29 -5.44
C ASP A 209 -23.82 -0.30 -6.78
N LEU A 210 -23.66 -1.62 -6.87
CA LEU A 210 -23.22 -2.23 -8.12
C LEU A 210 -24.17 -1.95 -9.27
N HIS A 211 -25.47 -1.79 -8.98
CA HIS A 211 -26.47 -1.60 -10.05
C HIS A 211 -26.23 -0.35 -10.86
N THR A 212 -25.44 0.60 -10.35
CA THR A 212 -25.19 1.85 -11.04
C THR A 212 -24.05 1.77 -12.04
N LEU A 213 -23.34 0.64 -12.10
CA LEU A 213 -22.08 0.53 -12.81
C LEU A 213 -22.22 -0.10 -14.18
N SER A 214 -21.31 0.30 -15.06
CA SER A 214 -21.12 -0.36 -16.33
C SER A 214 -20.50 -1.73 -16.12
N GLU A 215 -20.47 -2.54 -17.18
CA GLU A 215 -19.89 -3.87 -17.07
C GLU A 215 -18.44 -3.81 -16.64
N ASP A 216 -17.67 -2.88 -17.21
CA ASP A 216 -16.24 -2.82 -16.89
C ASP A 216 -15.99 -2.36 -15.45
N SER A 217 -16.75 -1.35 -15.00
CA SER A 217 -16.62 -0.91 -13.62
C SER A 217 -17.09 -1.99 -12.64
N TYR A 218 -18.15 -2.70 -13.00
CA TYR A 218 -18.62 -3.81 -12.18
C TYR A 218 -17.53 -4.85 -11.99
N LYS A 219 -16.81 -5.20 -13.06
CA LYS A 219 -15.75 -6.18 -12.93
C LYS A 219 -14.66 -5.68 -11.99
N ASP A 220 -14.27 -4.40 -12.13
CA ASP A 220 -13.23 -3.85 -11.27
C ASP A 220 -13.65 -3.88 -9.80
N SER A 221 -14.85 -3.38 -9.50
CA SER A 221 -15.30 -3.32 -8.12
C SER A 221 -15.50 -4.70 -7.52
N THR A 222 -16.13 -5.62 -8.26
CA THR A 222 -16.38 -6.93 -7.68
C THR A 222 -15.07 -7.69 -7.44
N LEU A 223 -14.04 -7.44 -8.23
CA LEU A 223 -12.77 -8.12 -7.99
C LEU A 223 -12.23 -7.75 -6.61
N ILE A 224 -12.33 -6.48 -6.22
CA ILE A 224 -11.83 -6.05 -4.92
C ILE A 224 -12.75 -6.54 -3.82
N MET A 225 -14.06 -6.50 -4.06
CA MET A 225 -15.00 -7.03 -3.09
C MET A 225 -14.71 -8.47 -2.74
N GLN A 226 -14.22 -9.25 -3.71
CA GLN A 226 -13.92 -10.65 -3.44
C GLN A 226 -12.83 -10.78 -2.39
N LEU A 227 -11.88 -9.85 -2.34
CA LEU A 227 -10.85 -9.89 -1.30
C LEU A 227 -11.42 -9.60 0.07
N LEU A 228 -12.36 -8.65 0.18
CA LEU A 228 -13.06 -8.44 1.43
C LEU A 228 -13.73 -9.72 1.89
N ARG A 229 -14.42 -10.39 0.95
CA ARG A 229 -15.11 -11.63 1.28
C ARG A 229 -14.11 -12.72 1.70
N ASP A 230 -13.00 -12.83 0.97
CA ASP A 230 -12.01 -13.85 1.30
C ASP A 230 -11.45 -13.62 2.70
N ASN A 231 -11.19 -12.36 3.06
CA ASN A 231 -10.70 -12.08 4.40
C ASN A 231 -11.77 -12.40 5.44
N LEU A 232 -13.02 -12.03 5.19
CA LEU A 232 -14.08 -12.36 6.14
C LEU A 232 -14.17 -13.85 6.35
N THR A 233 -13.95 -14.64 5.30
CA THR A 233 -13.97 -16.10 5.45
C THR A 233 -12.81 -16.58 6.32
N LEU A 234 -11.63 -15.97 6.14
CA LEU A 234 -10.48 -16.32 6.97
C LEU A 234 -10.68 -15.88 8.41
N TRP A 235 -11.32 -14.73 8.63
CA TRP A 235 -11.43 -14.12 9.94
C TRP A 235 -12.61 -14.61 10.76
N THR A 236 -13.56 -15.29 10.11
CA THR A 236 -14.73 -15.84 10.75
C THR A 236 -14.97 -17.24 10.20
N ARG B 4 -2.48 -15.40 6.44
CA ARG B 4 -2.28 -13.94 6.46
C ARG B 4 -3.31 -13.23 5.58
N SER B 5 -3.82 -12.11 6.09
CA SER B 5 -4.92 -11.40 5.46
C SER B 5 -4.52 -10.88 4.08
N LEU B 6 -5.50 -10.78 3.20
CA LEU B 6 -5.27 -10.29 1.86
C LEU B 6 -5.44 -8.79 1.77
N SEP B 7 -4.43 -8.09 1.23
CA SEP B 7 -4.55 -6.65 1.01
CB SEP B 7 -3.33 -5.92 1.58
OG SEP B 7 -2.15 -6.36 0.89
C SEP B 7 -4.77 -6.37 -0.48
O SEP B 7 -4.70 -7.29 -1.31
P SEP B 7 -0.78 -5.78 1.46
O1P SEP B 7 0.30 -6.39 0.48
O2P SEP B 7 -0.56 -6.26 2.93
O3P SEP B 7 -0.79 -4.20 1.36
N GLU B 8 -4.99 -5.09 -0.80
CA GLU B 8 -5.35 -4.66 -2.14
C GLU B 8 -4.31 -5.14 -3.12
N ARG B 9 -4.78 -5.62 -4.27
CA ARG B 9 -3.93 -6.15 -5.31
C ARG B 9 -3.80 -5.13 -6.44
N LEU B 10 -2.71 -5.23 -7.16
CA LEU B 10 -2.53 -4.41 -8.35
C LEU B 10 -3.45 -4.91 -9.45
N MET B 11 -3.94 -3.98 -10.25
CA MET B 11 -4.81 -4.34 -11.36
C MET B 11 -4.07 -5.26 -12.33
N GLN B 12 -4.73 -6.34 -12.73
CA GLN B 12 -4.11 -7.32 -13.62
C GLN B 12 -4.27 -6.91 -15.07
CL CL C . 17.67 3.90 -19.41
MG MG D . 11.36 18.54 -19.72
C13 K7N E . -6.02 1.83 -13.08
C15 K7N E . -5.84 0.85 -11.17
C17 K7N E . -7.90 2.13 -11.47
C20 K7N E . -0.27 -0.57 -15.06
C01 K7N E . -5.55 4.34 -17.46
C02 K7N E . -5.42 4.50 -16.09
C03 K7N E . -4.71 3.57 -15.35
C04 K7N E . -4.17 2.45 -15.96
C05 K7N E . -4.30 2.29 -17.34
C06 K7N E . -5.00 3.24 -18.08
C07 K7N E . -3.45 1.52 -15.20
C08 K7N E . -2.25 1.05 -15.71
C09 K7N E . -1.56 0.17 -14.90
C11 K7N E . -3.76 0.99 -13.94
C12 K7N E . -4.81 1.15 -13.03
C18 K7N E . -9.01 1.06 -11.57
N14 K7N E . -6.62 1.61 -11.90
N16 K7N E . -4.74 0.56 -11.84
N19 K7N E . -8.93 0.11 -10.47
N21 K7N E . 0.63 -0.25 -16.14
N22 K7N E . 0.00 -1.46 -14.21
S10 K7N E . -2.47 -0.05 -13.49
H131 K7N E . -6.34 2.34 -13.79
H151 K7N E . -6.02 0.56 -10.30
H171 K7N E . -7.83 2.41 -10.57
H172 K7N E . -8.14 2.85 -12.01
H011 K7N E . -6.03 4.97 -17.96
H021 K7N E . -5.79 5.24 -15.67
H031 K7N E . -4.61 3.70 -14.44
H051 K7N E . -3.91 1.56 -17.76
H061 K7N E . -5.10 3.12 -19.00
H081 K7N E . -1.92 1.32 -16.54
H181 K7N E . -9.85 1.49 -11.53
H182 K7N E . -8.93 0.61 -12.39
H191 K7N E . -9.66 0.12 -10.02
H192 K7N E . -8.80 -0.68 -10.79
H211 K7N E . 0.42 0.38 -16.70
H221 K7N E . 0.74 -1.91 -14.27
#